data_8A0J
#
_entry.id   8A0J
#
_cell.length_a   48.700
_cell.length_b   57.133
_cell.length_c   83.671
_cell.angle_alpha   90.000
_cell.angle_beta   97.870
_cell.angle_gamma   90.000
#
_symmetry.space_group_name_H-M   'P 1 21 1'
#
loop_
_entity.id
_entity.type
_entity.pdbx_description
1 polymer 'Uncharacterized protein TCIL3000_11_11110'
2 water water
#
_entity_poly.entity_id   1
_entity_poly.type   'polypeptide(L)'
_entity_poly.pdbx_seq_one_letter_code
;KAFLALPRGEEQRMRFVDEFLSGAWVRFYSFTTDDVVAMYYSLQPGRYGAFFATEQGVGTAVVDVHSKLVLYVPCMDKDS
MNRIQPHPHVLTYFEEDVQLLNISDAQKVLGSVLTGIMNFVQEIARQRGEGLPPPAVHAAYLHERDKTAVPSNTKFAYVR
KVFPDPSGSFVLFRLSNLRSQVICNVLMDIRWQSDRQNNVGQRYYVLADGTAEPFTVDHTGILFEVDQVVRNNFRR
;
_entity_poly.pdbx_strand_id   A,B
#
# COMPACT_ATOMS: atom_id res chain seq x y z
N GLU A 10 3.54 24.30 8.34
CA GLU A 10 2.98 24.28 7.00
C GLU A 10 1.76 23.36 6.95
N GLU A 11 1.27 23.11 5.74
CA GLU A 11 0.14 22.23 5.51
C GLU A 11 0.58 20.83 5.11
N GLN A 12 1.54 20.72 4.19
CA GLN A 12 2.05 19.41 3.80
C GLN A 12 2.55 18.62 5.00
N ARG A 13 3.12 19.30 5.99
CA ARG A 13 3.59 18.64 7.20
C ARG A 13 2.43 18.24 8.10
N MET A 14 1.54 19.19 8.39
CA MET A 14 0.42 18.91 9.29
C MET A 14 -0.48 17.82 8.73
N ARG A 15 -0.63 17.75 7.42
CA ARG A 15 -1.42 16.68 6.82
C ARG A 15 -0.65 15.36 6.85
N PHE A 16 0.66 15.41 6.58
CA PHE A 16 1.49 14.21 6.72
C PHE A 16 1.56 13.76 8.18
N VAL A 17 1.51 14.70 9.12
CA VAL A 17 1.47 14.36 10.54
C VAL A 17 0.14 13.70 10.89
N ASP A 18 -0.97 14.27 10.45
CA ASP A 18 -2.27 13.65 10.75
C ASP A 18 -2.35 12.24 10.15
N GLU A 19 -1.73 12.03 8.99
CA GLU A 19 -1.69 10.68 8.44
C GLU A 19 -0.91 9.74 9.36
N PHE A 20 0.23 10.18 9.87
CA PHE A 20 1.00 9.35 10.80
C PHE A 20 0.22 9.10 12.09
N LEU A 21 -0.52 10.10 12.57
CA LEU A 21 -1.28 9.92 13.79
C LEU A 21 -2.54 9.07 13.60
N SER A 22 -2.89 8.71 12.37
CA SER A 22 -4.25 8.23 12.05
C SER A 22 -4.46 6.73 12.16
N GLY A 23 -3.44 5.91 12.18
CA GLY A 23 -3.90 4.54 11.96
C GLY A 23 -4.33 3.79 13.21
N ALA A 24 -3.88 2.55 13.31
CA ALA A 24 -3.92 1.80 14.54
C ALA A 24 -2.66 2.12 15.35
N TRP A 25 -2.86 2.68 16.54
CA TRP A 25 -1.86 2.86 17.58
C TRP A 25 -2.44 2.37 18.89
N VAL A 26 -1.59 2.05 19.85
CA VAL A 26 -2.10 1.77 21.20
C VAL A 26 -2.80 3.01 21.73
N ARG A 27 -4.08 2.87 22.04
CA ARG A 27 -4.86 3.91 22.69
C ARG A 27 -4.82 3.77 24.21
N PHE A 28 -5.03 2.54 24.69
CA PHE A 28 -4.82 2.21 26.09
C PHE A 28 -4.58 0.71 26.18
N TYR A 29 -4.02 0.30 27.32
CA TYR A 29 -3.71 -1.10 27.59
C TYR A 29 -3.79 -1.29 29.10
N SER A 30 -3.81 -2.55 29.53
CA SER A 30 -3.80 -2.88 30.95
C SER A 30 -3.12 -4.23 31.11
N PHE A 31 -2.13 -4.29 31.99
CA PHE A 31 -1.57 -5.58 32.40
C PHE A 31 -2.52 -6.22 33.42
N THR A 32 -2.28 -7.49 33.75
CA THR A 32 -3.23 -8.24 34.57
C THR A 32 -2.55 -8.99 35.72
N THR A 33 -3.38 -9.50 36.64
CA THR A 33 -3.02 -10.58 37.55
C THR A 33 -3.87 -11.83 37.30
N ASP A 34 -4.91 -11.72 36.48
CA ASP A 34 -5.41 -12.85 35.70
C ASP A 34 -4.23 -13.51 34.99
N ASP A 35 -4.32 -14.84 34.84
CA ASP A 35 -3.22 -15.60 34.29
C ASP A 35 -3.37 -15.83 32.79
N VAL A 36 -4.60 -15.98 32.28
CA VAL A 36 -4.75 -16.36 30.88
C VAL A 36 -4.30 -15.23 29.96
N VAL A 37 -4.77 -14.02 30.20
CA VAL A 37 -4.37 -12.88 29.40
C VAL A 37 -3.29 -12.09 30.14
N ALA A 38 -2.18 -11.80 29.47
CA ALA A 38 -1.15 -10.95 30.07
C ALA A 38 -1.48 -9.47 29.90
N MET A 39 -2.17 -9.11 28.83
CA MET A 39 -2.44 -7.70 28.57
C MET A 39 -3.70 -7.55 27.73
N TYR A 40 -4.59 -6.68 28.19
CA TYR A 40 -5.68 -6.15 27.38
C TYR A 40 -5.25 -4.84 26.74
N TYR A 41 -5.87 -4.53 25.60
CA TYR A 41 -5.46 -3.34 24.86
C TYR A 41 -6.54 -2.97 23.85
N SER A 42 -6.46 -1.73 23.37
CA SER A 42 -7.25 -1.27 22.23
C SER A 42 -6.38 -0.41 21.33
N LEU A 43 -6.39 -0.73 20.04
CA LEU A 43 -5.66 0.00 19.01
C LEU A 43 -6.54 0.85 18.12
N GLN A 44 -7.84 0.55 18.06
CA GLN A 44 -8.81 1.21 17.19
C GLN A 44 -10.10 1.31 17.99
N PRO A 45 -10.85 2.40 17.86
CA PRO A 45 -12.10 2.53 18.63
C PRO A 45 -13.02 1.35 18.40
N GLY A 46 -13.52 0.79 19.49
CA GLY A 46 -14.47 -0.31 19.44
C GLY A 46 -13.82 -1.68 19.34
N ARG A 47 -12.50 -1.77 19.39
CA ARG A 47 -11.80 -3.04 19.21
C ARG A 47 -10.90 -3.30 20.41
N TYR A 48 -11.06 -4.48 20.99
CA TYR A 48 -10.40 -4.78 22.26
C TYR A 48 -9.68 -6.11 22.14
N GLY A 49 -8.41 -6.11 22.51
CA GLY A 49 -7.54 -7.24 22.26
C GLY A 49 -7.00 -7.85 23.54
N ALA A 50 -6.67 -9.13 23.46
CA ALA A 50 -5.92 -9.83 24.48
C ALA A 50 -4.58 -10.23 23.86
N PHE A 51 -3.52 -10.02 24.63
CA PHE A 51 -2.18 -10.47 24.29
C PHE A 51 -1.87 -11.57 25.28
N PHE A 52 -1.62 -12.78 24.79
CA PHE A 52 -1.56 -13.90 25.72
C PHE A 52 -0.45 -14.86 25.34
N ALA A 53 0.00 -15.61 26.36
CA ALA A 53 0.99 -16.65 26.18
C ALA A 53 0.35 -17.92 25.63
N THR A 54 1.13 -18.65 24.86
CA THR A 54 0.75 -19.95 24.34
C THR A 54 1.80 -20.93 24.79
N GLU A 55 1.53 -22.23 24.59
CA GLU A 55 2.51 -23.22 25.03
C GLU A 55 3.87 -22.99 24.39
N GLN A 56 3.87 -22.48 23.16
CA GLN A 56 5.11 -22.29 22.40
C GLN A 56 5.57 -20.83 22.37
N GLY A 57 4.72 -19.88 22.76
CA GLY A 57 5.11 -18.46 22.80
C GLY A 57 3.99 -17.49 23.05
N VAL A 58 3.58 -16.76 22.02
CA VAL A 58 2.56 -15.69 22.19
C VAL A 58 1.49 -15.70 21.10
N GLY A 59 0.29 -15.25 21.46
CA GLY A 59 -0.82 -15.10 20.52
C GLY A 59 -1.65 -13.89 20.92
N THR A 60 -2.57 -13.48 20.05
CA THR A 60 -3.43 -12.35 20.36
C THR A 60 -4.75 -12.52 19.61
N ALA A 61 -5.76 -11.79 20.07
CA ALA A 61 -7.06 -11.77 19.42
C ALA A 61 -7.71 -10.41 19.67
N VAL A 62 -8.47 -9.92 18.70
CA VAL A 62 -9.08 -8.60 18.80
C VAL A 62 -10.55 -8.75 18.46
N VAL A 63 -11.41 -8.30 19.37
CA VAL A 63 -12.85 -8.38 19.19
C VAL A 63 -13.38 -7.01 18.81
N ASP A 64 -14.06 -6.92 17.68
CA ASP A 64 -14.83 -5.73 17.37
C ASP A 64 -16.20 -5.89 18.03
N VAL A 65 -16.54 -4.96 18.94
CA VAL A 65 -17.76 -5.11 19.74
C VAL A 65 -18.99 -4.66 18.97
N HIS A 66 -18.84 -3.91 17.88
CA HIS A 66 -20.00 -3.55 17.07
C HIS A 66 -20.36 -4.66 16.07
N SER A 67 -19.37 -5.26 15.43
CA SER A 67 -19.68 -6.27 14.42
C SER A 67 -19.68 -7.68 15.00
N LYS A 68 -19.00 -7.87 16.13
CA LYS A 68 -18.80 -9.18 16.73
C LYS A 68 -18.05 -10.11 15.78
N LEU A 69 -17.17 -9.54 14.94
CA LEU A 69 -16.15 -10.29 14.23
C LEU A 69 -14.85 -10.17 15.00
N VAL A 70 -14.04 -11.23 14.98
CA VAL A 70 -12.91 -11.35 15.90
C VAL A 70 -11.68 -11.77 15.12
N LEU A 71 -10.62 -10.98 15.21
CA LEU A 71 -9.32 -11.37 14.67
C LEU A 71 -8.66 -12.35 15.63
N TYR A 72 -8.14 -13.46 15.11
CA TYR A 72 -7.39 -14.41 15.92
C TYR A 72 -6.04 -14.66 15.24
N VAL A 73 -4.95 -14.36 15.95
CA VAL A 73 -3.59 -14.64 15.52
C VAL A 73 -2.98 -15.64 16.49
N PRO A 74 -3.01 -16.93 16.18
CA PRO A 74 -2.62 -17.92 17.20
C PRO A 74 -1.12 -17.97 17.50
N CYS A 75 -0.25 -17.66 16.54
CA CYS A 75 1.19 -17.74 16.75
C CYS A 75 1.86 -16.51 16.20
N MET A 76 2.57 -15.78 17.07
CA MET A 76 3.35 -14.62 16.65
C MET A 76 4.82 -14.82 16.99
N ASP A 77 5.31 -16.03 16.78
CA ASP A 77 6.65 -16.42 17.21
C ASP A 77 7.68 -16.42 16.08
N LYS A 78 7.27 -16.08 14.86
CA LYS A 78 8.18 -15.93 13.74
C LYS A 78 7.95 -14.55 13.12
N ASP A 79 9.02 -13.85 12.81
CA ASP A 79 8.95 -12.47 12.30
C ASP A 79 9.08 -12.38 10.78
N SER A 80 8.67 -13.42 10.06
CA SER A 80 8.75 -13.39 8.60
C SER A 80 7.75 -12.38 8.04
N MET A 81 8.26 -11.46 7.20
CA MET A 81 7.45 -10.44 6.56
C MET A 81 7.16 -10.77 5.09
N ASN A 82 7.16 -12.05 4.76
CA ASN A 82 6.82 -12.53 3.42
C ASN A 82 5.31 -12.80 3.31
N ARG A 83 4.52 -11.75 3.50
CA ARG A 83 3.12 -11.79 3.13
C ARG A 83 2.96 -11.01 1.83
N ILE A 84 2.76 -11.74 0.73
CA ILE A 84 2.74 -11.14 -0.60
C ILE A 84 1.63 -10.10 -0.72
N GLN A 85 0.39 -10.53 -0.50
CA GLN A 85 -0.78 -9.73 -0.78
C GLN A 85 -1.39 -9.18 0.50
N PRO A 86 -1.97 -7.99 0.44
CA PRO A 86 -2.65 -7.45 1.61
C PRO A 86 -3.89 -8.27 1.95
N HIS A 87 -3.98 -8.72 3.18
CA HIS A 87 -5.17 -9.40 3.62
C HIS A 87 -6.34 -8.42 3.57
N PRO A 88 -7.51 -8.84 3.09
CA PRO A 88 -8.63 -7.89 2.92
C PRO A 88 -9.15 -7.27 4.22
N HIS A 89 -8.94 -7.92 5.37
CA HIS A 89 -9.51 -7.43 6.61
C HIS A 89 -8.50 -7.25 7.74
N VAL A 90 -7.22 -7.55 7.51
CA VAL A 90 -6.19 -7.48 8.55
C VAL A 90 -5.03 -6.67 8.00
N LEU A 91 -4.69 -5.59 8.70
CA LEU A 91 -3.52 -4.80 8.32
C LEU A 91 -2.31 -5.49 8.96
N THR A 92 -1.60 -6.31 8.19
CA THR A 92 -0.40 -6.96 8.70
C THR A 92 0.57 -7.20 7.58
N TYR A 93 1.86 -7.05 7.90
CA TYR A 93 2.95 -7.29 6.96
C TYR A 93 3.68 -8.58 7.32
N PHE A 94 3.13 -9.37 8.21
CA PHE A 94 3.76 -10.61 8.64
C PHE A 94 3.05 -11.82 8.03
N GLU A 95 3.84 -12.87 7.78
CA GLU A 95 3.36 -14.06 7.09
C GLU A 95 2.49 -14.95 7.97
N GLU A 96 2.58 -14.78 9.29
CA GLU A 96 1.87 -15.63 10.25
C GLU A 96 0.38 -15.75 9.90
N ASP A 97 -0.21 -16.87 10.29
CA ASP A 97 -1.62 -17.07 10.03
C ASP A 97 -2.46 -16.06 10.83
N VAL A 98 -3.41 -15.43 10.15
CA VAL A 98 -4.38 -14.52 10.76
C VAL A 98 -5.77 -15.00 10.40
N GLN A 99 -6.67 -14.99 11.37
CA GLN A 99 -8.01 -15.53 11.17
C GLN A 99 -9.05 -14.49 11.54
N LEU A 100 -10.14 -14.46 10.79
CA LEU A 100 -11.31 -13.66 11.12
C LEU A 100 -12.47 -14.63 11.36
N LEU A 101 -13.06 -14.56 12.54
CA LEU A 101 -14.05 -15.52 13.02
C LEU A 101 -15.26 -14.77 13.56
N ASN A 102 -16.44 -15.37 13.45
CA ASN A 102 -17.54 -14.76 14.18
C ASN A 102 -17.32 -15.00 15.68
N ILE A 103 -18.08 -14.30 16.51
CA ILE A 103 -17.84 -14.30 17.96
C ILE A 103 -17.95 -15.72 18.54
N SER A 104 -18.85 -16.55 18.02
CA SER A 104 -19.05 -17.87 18.61
C SER A 104 -17.99 -18.88 18.17
N ASP A 105 -17.51 -18.78 16.92
CA ASP A 105 -16.32 -19.54 16.55
C ASP A 105 -15.11 -19.10 17.38
N ALA A 106 -14.97 -17.79 17.59
CA ALA A 106 -13.89 -17.30 18.45
C ALA A 106 -14.00 -17.86 19.85
N GLN A 107 -15.22 -17.92 20.41
CA GLN A 107 -15.41 -18.48 21.74
C GLN A 107 -14.90 -19.92 21.80
N LYS A 108 -15.14 -20.71 20.75
CA LYS A 108 -14.72 -22.11 20.77
C LYS A 108 -13.21 -22.24 20.88
N VAL A 109 -12.45 -21.34 20.23
CA VAL A 109 -10.99 -21.44 20.21
C VAL A 109 -10.35 -20.59 21.30
N LEU A 110 -11.00 -19.54 21.80
CA LEU A 110 -10.30 -18.64 22.76
C LEU A 110 -10.62 -18.98 24.22
N GLY A 111 -11.79 -19.55 24.47
CA GLY A 111 -12.26 -19.84 25.84
C GLY A 111 -12.15 -18.69 26.81
N SER A 112 -11.47 -18.91 27.92
CA SER A 112 -11.29 -17.90 29.00
C SER A 112 -10.69 -16.59 28.45
N VAL A 113 -10.00 -16.67 27.32
CA VAL A 113 -9.47 -15.43 26.76
C VAL A 113 -10.62 -14.53 26.28
N LEU A 114 -11.58 -15.12 25.57
CA LEU A 114 -12.73 -14.34 25.14
C LEU A 114 -13.55 -13.87 26.34
N THR A 115 -13.77 -14.75 27.33
CA THR A 115 -14.43 -14.32 28.56
C THR A 115 -13.71 -13.13 29.16
N GLY A 116 -12.37 -13.21 29.22
CA GLY A 116 -11.58 -12.11 29.74
C GLY A 116 -11.76 -10.83 28.95
N ILE A 117 -11.69 -10.91 27.62
CA ILE A 117 -11.98 -9.73 26.80
C ILE A 117 -13.39 -9.22 27.08
N MET A 118 -14.37 -10.12 27.19
CA MET A 118 -15.74 -9.69 27.47
C MET A 118 -15.83 -8.90 28.78
N ASN A 119 -15.22 -9.41 29.84
CA ASN A 119 -15.28 -8.69 31.12
C ASN A 119 -14.55 -7.36 31.04
N PHE A 120 -13.46 -7.30 30.28
CA PHE A 120 -12.76 -6.02 30.09
C PHE A 120 -13.68 -5.01 29.42
N VAL A 121 -14.29 -5.40 28.29
CA VAL A 121 -15.26 -4.58 27.58
C VAL A 121 -16.40 -4.13 28.50
N GLN A 122 -16.96 -5.07 29.26
CA GLN A 122 -18.16 -4.74 30.03
C GLN A 122 -17.83 -3.78 31.17
N GLU A 123 -16.67 -3.94 31.80
CA GLU A 123 -16.26 -2.99 32.84
C GLU A 123 -16.05 -1.59 32.27
N ILE A 124 -15.39 -1.50 31.10
CA ILE A 124 -15.23 -0.22 30.40
C ILE A 124 -16.60 0.42 30.16
N ALA A 125 -17.58 -0.36 29.70
CA ALA A 125 -18.91 0.20 29.41
C ALA A 125 -19.61 0.65 30.69
N ARG A 126 -19.47 -0.11 31.78
CA ARG A 126 -20.05 0.34 33.05
C ARG A 126 -19.42 1.66 33.50
N GLN A 127 -18.11 1.81 33.35
CA GLN A 127 -17.44 3.07 33.69
C GLN A 127 -17.94 4.22 32.81
N ARG A 128 -18.03 3.96 31.50
CA ARG A 128 -18.48 4.98 30.54
C ARG A 128 -19.89 5.46 30.87
N GLY A 129 -20.77 4.54 31.26
CA GLY A 129 -22.10 4.91 31.71
C GLY A 129 -22.10 5.87 32.90
N GLU A 130 -21.01 5.90 33.66
CA GLU A 130 -20.86 6.87 34.74
C GLU A 130 -20.00 8.05 34.33
N GLY A 131 -19.69 8.18 33.03
CA GLY A 131 -18.83 9.23 32.54
C GLY A 131 -17.37 9.03 32.84
N LEU A 132 -16.93 7.79 32.99
CA LEU A 132 -15.57 7.55 33.41
C LEU A 132 -14.79 6.82 32.32
N PRO A 133 -13.49 7.06 32.21
CA PRO A 133 -12.69 6.48 31.12
C PRO A 133 -12.34 5.02 31.40
N PRO A 134 -11.76 4.31 30.44
CA PRO A 134 -11.33 2.93 30.69
C PRO A 134 -10.33 2.86 31.84
N PRO A 135 -10.48 1.88 32.73
CA PRO A 135 -9.49 1.76 33.83
C PRO A 135 -8.19 1.15 33.29
N ALA A 136 -7.40 1.98 32.63
CA ALA A 136 -6.30 1.43 31.86
C ALA A 136 -5.30 2.53 31.59
N VAL A 137 -4.04 2.13 31.38
CA VAL A 137 -3.00 3.09 31.03
C VAL A 137 -3.26 3.60 29.62
N HIS A 138 -3.33 4.91 29.45
CA HIS A 138 -3.54 5.49 28.13
C HIS A 138 -2.21 5.94 27.50
N ALA A 139 -2.20 6.01 26.17
CA ALA A 139 -1.10 6.65 25.46
C ALA A 139 -1.16 8.16 25.71
N ALA A 140 -0.06 8.85 25.41
CA ALA A 140 -0.04 10.30 25.60
C ALA A 140 -1.00 11.01 24.68
N TYR A 141 -1.48 10.33 23.63
CA TYR A 141 -2.34 10.98 22.65
C TYR A 141 -3.20 9.93 21.95
N LEU A 142 -4.46 10.30 21.73
CA LEU A 142 -5.41 9.46 21.02
C LEU A 142 -5.97 10.29 19.89
N HIS A 143 -5.68 9.89 18.66
CA HIS A 143 -6.29 10.51 17.49
C HIS A 143 -7.80 10.22 17.47
N GLU A 144 -8.56 11.17 16.97
CA GLU A 144 -10.02 11.04 16.86
C GLU A 144 -10.62 10.58 18.20
N ARG A 145 -10.46 11.45 19.21
CA ARG A 145 -10.83 11.08 20.57
C ARG A 145 -12.32 10.79 20.72
N ASP A 146 -13.17 11.49 19.98
CA ASP A 146 -14.61 11.26 20.04
C ASP A 146 -15.04 9.97 19.36
N LYS A 147 -14.20 9.41 18.49
CA LYS A 147 -14.59 8.27 17.67
C LYS A 147 -14.85 7.05 18.57
N THR A 148 -16.04 6.47 18.43
CA THR A 148 -16.47 5.35 19.25
C THR A 148 -16.53 4.03 18.48
N ALA A 149 -16.48 4.12 17.16
CA ALA A 149 -16.48 2.90 16.33
C ALA A 149 -15.77 3.19 15.02
N VAL A 150 -15.06 2.17 14.54
CA VAL A 150 -14.33 2.35 13.27
C VAL A 150 -15.30 1.98 12.17
N PRO A 151 -15.27 2.67 11.01
CA PRO A 151 -16.09 2.29 9.89
C PRO A 151 -16.01 0.77 9.71
N SER A 152 -16.99 0.16 9.08
CA SER A 152 -17.08 -1.31 8.99
C SER A 152 -15.90 -1.97 8.27
N ASN A 153 -15.51 -1.44 7.12
CA ASN A 153 -14.45 -2.09 6.31
C ASN A 153 -13.06 -1.85 6.90
N THR A 154 -12.97 -1.27 8.09
CA THR A 154 -11.64 -0.93 8.67
C THR A 154 -10.89 -2.23 8.96
N LYS A 155 -9.70 -2.33 8.40
CA LYS A 155 -8.85 -3.52 8.64
C LYS A 155 -8.40 -3.57 10.10
N PHE A 156 -8.27 -4.77 10.60
CA PHE A 156 -7.86 -4.99 12.00
C PHE A 156 -6.34 -4.96 12.13
N ALA A 157 -5.84 -4.26 13.15
CA ALA A 157 -4.44 -4.35 13.49
C ALA A 157 -4.31 -5.01 14.87
N TYR A 158 -3.13 -5.53 15.16
CA TYR A 158 -2.94 -6.22 16.43
C TYR A 158 -1.56 -5.90 17.00
N VAL A 159 -1.39 -6.26 18.27
CA VAL A 159 -0.10 -6.14 18.95
C VAL A 159 0.72 -7.40 18.69
N ARG A 160 1.98 -7.23 18.33
CA ARG A 160 2.85 -8.39 18.15
C ARG A 160 3.82 -8.58 19.30
N LYS A 161 4.40 -7.50 19.84
CA LYS A 161 5.38 -7.60 20.92
C LYS A 161 5.11 -6.53 21.97
N VAL A 162 5.45 -6.84 23.21
CA VAL A 162 5.28 -5.93 24.34
C VAL A 162 6.55 -6.01 25.17
N PHE A 163 7.21 -4.87 25.36
CA PHE A 163 8.47 -4.80 26.11
C PHE A 163 8.32 -3.82 27.25
N PRO A 164 7.92 -4.26 28.44
CA PRO A 164 7.77 -3.33 29.56
C PRO A 164 9.10 -3.09 30.28
N ASP A 165 9.33 -1.84 30.65
CA ASP A 165 10.48 -1.50 31.45
C ASP A 165 10.34 -2.15 32.84
N PRO A 166 11.27 -3.02 33.26
CA PRO A 166 11.20 -3.60 34.61
C PRO A 166 11.13 -2.54 35.70
N SER A 167 11.63 -1.33 35.43
CA SER A 167 11.57 -0.24 36.38
C SER A 167 10.37 0.68 36.18
N GLY A 168 9.48 0.36 35.24
CA GLY A 168 8.20 1.04 35.13
C GLY A 168 8.19 2.35 34.38
N SER A 169 9.28 2.71 33.70
CA SER A 169 9.35 4.02 33.08
C SER A 169 8.72 4.05 31.67
N PHE A 170 8.49 2.89 31.04
CA PHE A 170 7.92 2.87 29.69
C PHE A 170 7.43 1.48 29.35
N VAL A 171 6.64 1.39 28.28
CA VAL A 171 6.41 0.12 27.60
C VAL A 171 6.55 0.36 26.09
N LEU A 172 7.31 -0.52 25.43
CA LEU A 172 7.47 -0.50 23.99
C LEU A 172 6.52 -1.53 23.36
N PHE A 173 5.76 -1.11 22.35
CA PHE A 173 4.87 -1.98 21.61
C PHE A 173 5.32 -2.04 20.16
N ARG A 174 5.30 -3.23 19.58
CA ARG A 174 5.45 -3.40 18.15
C ARG A 174 4.13 -3.93 17.61
N LEU A 175 3.64 -3.30 16.54
CA LEU A 175 2.31 -3.56 16.00
C LEU A 175 2.40 -4.27 14.65
N SER A 176 1.27 -4.88 14.26
CA SER A 176 1.24 -5.66 13.04
C SER A 176 1.43 -4.80 11.80
N ASN A 177 1.18 -3.50 11.89
CA ASN A 177 1.39 -2.57 10.78
C ASN A 177 2.82 -2.00 10.75
N LEU A 178 3.77 -2.66 11.40
CA LEU A 178 5.18 -2.28 11.44
C LEU A 178 5.40 -0.93 12.13
N ARG A 179 4.45 -0.46 12.93
CA ARG A 179 4.68 0.68 13.78
C ARG A 179 5.24 0.25 15.12
N SER A 180 6.08 1.10 15.70
CA SER A 180 6.59 0.95 17.05
C SER A 180 6.11 2.12 17.90
N GLN A 181 5.84 1.86 19.17
CA GLN A 181 5.25 2.88 20.02
C GLN A 181 5.79 2.71 21.44
N VAL A 182 6.55 3.70 21.91
CA VAL A 182 6.95 3.75 23.31
C VAL A 182 5.96 4.62 24.07
N ILE A 183 5.30 4.04 25.04
CA ILE A 183 4.45 4.77 25.96
C ILE A 183 5.25 4.96 27.23
N CYS A 184 5.35 6.20 27.71
CA CYS A 184 6.23 6.45 28.87
C CYS A 184 5.58 7.48 29.80
N ASN A 185 6.33 7.87 30.84
CA ASN A 185 5.77 8.64 31.95
C ASN A 185 6.06 10.13 31.86
N VAL A 186 6.44 10.66 30.70
CA VAL A 186 6.72 12.09 30.64
C VAL A 186 5.80 12.75 29.61
N LEU A 187 4.56 12.26 29.51
CA LEU A 187 3.48 12.94 28.75
C LEU A 187 3.86 13.10 27.27
N MET A 188 4.54 12.10 26.74
CA MET A 188 4.70 11.95 25.30
C MET A 188 4.83 10.47 25.00
N ASP A 189 4.45 10.08 23.78
CA ASP A 189 4.89 8.84 23.19
C ASP A 189 6.09 9.13 22.28
N ILE A 190 6.91 8.10 22.06
CA ILE A 190 7.88 8.09 20.97
C ILE A 190 7.39 7.04 19.97
N ARG A 191 7.00 7.47 18.78
CA ARG A 191 6.44 6.58 17.77
C ARG A 191 7.30 6.57 16.51
N TRP A 192 7.28 5.44 15.79
CA TRP A 192 7.89 5.43 14.46
C TRP A 192 7.28 4.34 13.59
N GLN A 193 7.46 4.51 12.28
CA GLN A 193 7.06 3.56 11.26
C GLN A 193 8.31 2.92 10.66
N SER A 194 8.34 1.59 10.62
CA SER A 194 9.40 0.83 9.96
C SER A 194 8.89 0.24 8.66
N ASP A 195 9.80 -0.22 7.81
CA ASP A 195 9.41 -1.03 6.67
C ASP A 195 9.94 -2.46 6.83
N ARG A 196 9.83 -3.23 5.74
CA ARG A 196 10.15 -4.65 5.79
C ARG A 196 11.65 -4.92 5.64
N GLN A 197 12.39 -4.02 4.98
CA GLN A 197 13.83 -4.14 4.92
C GLN A 197 14.50 -3.47 6.10
N ASN A 198 13.79 -3.32 7.22
CA ASN A 198 14.37 -2.89 8.48
C ASN A 198 14.84 -1.44 8.45
N ASN A 199 14.21 -0.58 7.64
CA ASN A 199 14.46 0.85 7.73
C ASN A 199 13.35 1.51 8.56
N VAL A 200 13.68 2.68 9.10
CA VAL A 200 12.75 3.47 9.89
C VAL A 200 12.42 4.70 9.05
N GLY A 201 11.13 4.95 8.86
CA GLY A 201 10.70 6.14 8.15
C GLY A 201 10.30 7.23 9.11
N GLN A 202 9.05 7.67 9.05
CA GLN A 202 8.58 8.76 9.92
C GLN A 202 8.76 8.41 11.40
N ARG A 203 9.06 9.42 12.20
CA ARG A 203 9.16 9.20 13.63
C ARG A 203 8.99 10.53 14.37
N TYR A 204 8.30 10.48 15.50
CA TYR A 204 7.93 11.70 16.18
C TYR A 204 7.89 11.47 17.69
N TYR A 205 8.20 12.52 18.42
CA TYR A 205 7.67 12.66 19.75
C TYR A 205 6.23 13.15 19.60
N VAL A 206 5.27 12.38 20.11
CA VAL A 206 3.87 12.76 20.09
C VAL A 206 3.50 13.21 21.50
N LEU A 207 3.24 14.50 21.67
CA LEU A 207 3.09 15.10 22.98
C LEU A 207 1.62 15.13 23.44
N ALA A 208 1.43 15.20 24.75
CA ALA A 208 0.09 15.21 25.32
C ALA A 208 -0.73 16.41 24.85
N ASP A 209 -0.09 17.49 24.40
CA ASP A 209 -0.86 18.63 23.90
C ASP A 209 -1.33 18.44 22.46
N GLY A 210 -1.13 17.27 21.86
CA GLY A 210 -1.53 17.02 20.51
C GLY A 210 -0.53 17.38 19.45
N THR A 211 0.67 17.85 19.83
CA THR A 211 1.69 18.23 18.88
C THR A 211 2.63 17.03 18.63
N ALA A 212 3.37 17.11 17.52
CA ALA A 212 4.28 16.04 17.11
C ALA A 212 5.57 16.64 16.60
N GLU A 213 6.69 16.29 17.23
CA GLU A 213 7.97 16.82 16.84
C GLU A 213 8.78 15.75 16.16
N PRO A 214 9.23 15.97 14.92
CA PRO A 214 10.10 15.01 14.27
C PRO A 214 11.48 14.98 14.92
N PHE A 215 12.14 13.83 14.78
CA PHE A 215 13.54 13.71 15.18
C PHE A 215 14.23 12.73 14.24
N THR A 216 15.55 12.82 14.16
CA THR A 216 16.32 11.84 13.43
C THR A 216 16.97 10.88 14.42
N VAL A 217 17.91 11.39 15.20
CA VAL A 217 18.47 10.63 16.30
C VAL A 217 17.80 11.14 17.57
N ASP A 218 17.63 10.24 18.53
CA ASP A 218 16.90 10.56 19.76
C ASP A 218 17.90 11.01 20.81
N HIS A 219 17.84 12.28 21.17
CA HIS A 219 18.77 12.85 22.14
C HIS A 219 18.30 12.67 23.58
N THR A 220 17.07 12.19 23.81
CA THR A 220 16.49 12.20 25.15
C THR A 220 17.09 11.14 26.08
N GLY A 221 17.74 10.12 25.52
CA GLY A 221 18.18 8.97 26.29
C GLY A 221 17.14 7.91 26.52
N ILE A 222 15.87 8.17 26.17
CA ILE A 222 14.81 7.21 26.41
C ILE A 222 14.96 6.00 25.47
N LEU A 223 15.17 6.23 24.17
CA LEU A 223 15.29 5.09 23.26
C LEU A 223 16.54 4.26 23.56
N PHE A 224 17.63 4.92 23.97
CA PHE A 224 18.84 4.16 24.32
C PHE A 224 18.54 3.20 25.46
N GLU A 225 17.75 3.63 26.42
CA GLU A 225 17.33 2.77 27.52
C GLU A 225 16.32 1.71 27.07
N VAL A 226 15.34 2.11 26.26
CA VAL A 226 14.41 1.13 25.69
C VAL A 226 15.17 0.03 24.96
N ASP A 227 16.15 0.43 24.14
CA ASP A 227 16.92 -0.51 23.34
C ASP A 227 17.58 -1.59 24.21
N GLN A 228 18.19 -1.20 25.32
CA GLN A 228 18.82 -2.19 26.21
C GLN A 228 17.80 -3.20 26.74
N VAL A 229 16.57 -2.77 26.97
CA VAL A 229 15.56 -3.66 27.52
C VAL A 229 15.15 -4.69 26.49
N VAL A 230 14.98 -4.26 25.24
CA VAL A 230 14.60 -5.15 24.14
C VAL A 230 15.65 -6.24 23.93
N ARG A 231 16.94 -5.89 24.07
CA ARG A 231 17.98 -6.89 23.80
C ARG A 231 18.08 -7.90 24.93
N ASN A 232 17.77 -7.49 26.15
CA ASN A 232 17.76 -8.37 27.32
C ASN A 232 16.55 -9.29 27.28
N VAL B 17 -17.73 10.45 -16.01
CA VAL B 17 -16.71 9.50 -16.47
C VAL B 17 -15.36 10.18 -16.67
N ASP B 18 -15.27 11.47 -16.39
CA ASP B 18 -14.11 12.24 -16.80
C ASP B 18 -12.90 12.04 -15.90
N GLU B 19 -13.06 11.33 -14.79
CA GLU B 19 -11.93 10.98 -13.94
C GLU B 19 -11.38 9.59 -14.22
N PHE B 20 -12.24 8.67 -14.63
CA PHE B 20 -11.78 7.39 -15.14
C PHE B 20 -10.86 7.59 -16.34
N LEU B 21 -11.15 8.57 -17.18
CA LEU B 21 -10.39 8.81 -18.40
C LEU B 21 -9.10 9.57 -18.17
N SER B 22 -8.91 10.17 -17.00
CA SER B 22 -7.97 11.26 -16.85
C SER B 22 -6.55 10.85 -16.46
N GLY B 23 -6.34 9.70 -15.87
CA GLY B 23 -5.00 9.51 -15.34
C GLY B 23 -3.95 9.07 -16.35
N ALA B 24 -3.05 8.22 -15.88
CA ALA B 24 -2.15 7.51 -16.77
C ALA B 24 -2.91 6.35 -17.42
N TRP B 25 -2.97 6.36 -18.74
CA TRP B 25 -3.43 5.25 -19.56
C TRP B 25 -2.41 5.08 -20.68
N VAL B 26 -2.42 3.91 -21.31
CA VAL B 26 -1.61 3.78 -22.51
C VAL B 26 -2.17 4.73 -23.57
N ARG B 27 -1.34 5.69 -24.00
CA ARG B 27 -1.72 6.63 -25.04
C ARG B 27 -1.31 6.10 -26.43
N PHE B 28 -0.06 5.67 -26.58
CA PHE B 28 0.36 4.88 -27.73
C PHE B 28 1.47 3.95 -27.30
N TYR B 29 1.70 2.92 -28.10
CA TYR B 29 2.76 1.96 -27.85
C TYR B 29 3.29 1.48 -29.19
N SER B 30 4.46 0.87 -29.17
CA SER B 30 5.06 0.36 -30.40
C SER B 30 5.97 -0.81 -30.09
N PHE B 31 5.69 -1.96 -30.69
CA PHE B 31 6.61 -3.08 -30.64
C PHE B 31 7.73 -2.88 -31.66
N THR B 32 8.81 -3.61 -31.46
CA THR B 32 10.05 -3.34 -32.16
C THR B 32 10.61 -4.61 -32.75
N THR B 33 11.51 -4.42 -33.72
CA THR B 33 12.56 -5.39 -33.99
C THR B 33 13.90 -4.91 -33.44
N ASP B 34 13.93 -3.75 -32.77
CA ASP B 34 14.91 -3.35 -31.76
C ASP B 34 15.26 -4.51 -30.85
N ASP B 35 16.53 -4.89 -30.81
CA ASP B 35 16.93 -6.04 -30.03
C ASP B 35 16.64 -5.84 -28.54
N VAL B 36 16.74 -4.60 -28.02
CA VAL B 36 16.84 -4.48 -26.57
C VAL B 36 15.50 -4.05 -25.97
N VAL B 37 14.99 -2.88 -26.33
CA VAL B 37 13.65 -2.50 -25.89
C VAL B 37 12.62 -3.32 -26.67
N ALA B 38 11.83 -4.10 -25.95
CA ALA B 38 10.74 -4.83 -26.58
C ALA B 38 9.60 -3.91 -26.97
N MET B 39 9.40 -2.80 -26.26
CA MET B 39 8.24 -1.96 -26.55
C MET B 39 8.47 -0.56 -26.01
N TYR B 40 8.18 0.43 -26.84
CA TYR B 40 8.11 1.82 -26.42
C TYR B 40 6.65 2.19 -26.17
N TYR B 41 6.46 3.22 -25.35
CA TYR B 41 5.11 3.60 -24.96
C TYR B 41 5.12 4.99 -24.35
N SER B 42 3.92 5.52 -24.17
CA SER B 42 3.72 6.73 -23.39
C SER B 42 2.40 6.62 -22.64
N LEU B 43 2.44 6.85 -21.31
CA LEU B 43 1.24 6.90 -20.49
C LEU B 43 0.83 8.30 -20.10
N GLN B 44 1.74 9.27 -20.20
CA GLN B 44 1.51 10.63 -19.72
C GLN B 44 2.20 11.56 -20.71
N PRO B 45 1.62 12.73 -20.98
CA PRO B 45 2.25 13.65 -21.93
C PRO B 45 3.67 13.98 -21.53
N GLY B 46 4.57 13.96 -22.51
CA GLY B 46 5.96 14.32 -22.28
C GLY B 46 6.82 13.24 -21.67
N ARG B 47 6.27 12.05 -21.44
CA ARG B 47 6.99 10.96 -20.77
C ARG B 47 6.97 9.71 -21.64
N TYR B 48 8.13 9.13 -21.87
CA TYR B 48 8.27 8.04 -22.83
C TYR B 48 8.96 6.87 -22.18
N GLY B 49 8.32 5.70 -22.27
CA GLY B 49 8.79 4.52 -21.59
C GLY B 49 9.36 3.47 -22.52
N ALA B 50 10.15 2.57 -21.94
CA ALA B 50 10.65 1.39 -22.61
C ALA B 50 10.34 0.19 -21.74
N PHE B 51 9.81 -0.86 -22.37
CA PHE B 51 9.55 -2.15 -21.75
C PHE B 51 10.61 -3.13 -22.25
N PHE B 52 11.22 -3.87 -21.33
CA PHE B 52 12.37 -4.68 -21.72
C PHE B 52 12.56 -5.83 -20.76
N ALA B 53 13.25 -6.86 -21.25
CA ALA B 53 13.60 -8.02 -20.44
C ALA B 53 14.90 -7.75 -19.68
N THR B 54 14.99 -8.33 -18.48
CA THR B 54 16.18 -8.32 -17.64
C THR B 54 16.78 -9.72 -17.61
N GLU B 55 17.88 -9.87 -16.85
CA GLU B 55 18.49 -11.20 -16.71
C GLU B 55 17.59 -12.18 -15.96
N GLN B 56 16.66 -11.69 -15.15
CA GLN B 56 15.74 -12.54 -14.40
C GLN B 56 14.27 -12.33 -14.73
N GLY B 57 13.92 -11.28 -15.47
CA GLY B 57 12.53 -11.00 -15.76
C GLY B 57 12.34 -9.75 -16.60
N VAL B 58 11.43 -8.85 -16.20
CA VAL B 58 11.17 -7.65 -16.98
C VAL B 58 11.40 -6.42 -16.13
N GLY B 59 11.81 -5.34 -16.81
CA GLY B 59 11.94 -4.03 -16.19
C GLY B 59 11.39 -2.98 -17.12
N THR B 60 11.33 -1.75 -16.63
CA THR B 60 10.85 -0.66 -17.45
C THR B 60 11.50 0.63 -16.98
N ALA B 61 11.54 1.61 -17.88
CA ALA B 61 12.11 2.91 -17.61
C ALA B 61 11.29 3.95 -18.37
N VAL B 62 11.18 5.14 -17.79
CA VAL B 62 10.39 6.22 -18.38
C VAL B 62 11.15 7.54 -18.21
N VAL B 63 11.38 8.24 -19.32
CA VAL B 63 12.02 9.55 -19.33
C VAL B 63 10.94 10.62 -19.44
N ASP B 64 11.05 11.65 -18.60
CA ASP B 64 10.30 12.89 -18.79
C ASP B 64 11.20 13.88 -19.53
N VAL B 65 10.79 14.30 -20.72
CA VAL B 65 11.66 15.09 -21.58
C VAL B 65 11.88 16.52 -21.06
N HIS B 66 11.10 16.97 -20.08
CA HIS B 66 11.23 18.33 -19.57
C HIS B 66 12.08 18.41 -18.31
N SER B 67 11.84 17.52 -17.35
CA SER B 67 12.70 17.48 -16.17
C SER B 67 13.99 16.70 -16.41
N LYS B 68 14.04 15.87 -17.45
CA LYS B 68 15.15 14.97 -17.73
C LYS B 68 15.32 13.93 -16.62
N LEU B 69 14.30 13.72 -15.81
CA LEU B 69 14.31 12.63 -14.83
C LEU B 69 13.94 11.32 -15.52
N VAL B 70 14.52 10.23 -15.02
CA VAL B 70 14.24 8.89 -15.54
C VAL B 70 13.67 8.05 -14.42
N LEU B 71 12.44 7.58 -14.59
CA LEU B 71 11.94 6.49 -13.75
C LEU B 71 12.60 5.20 -14.17
N TYR B 72 13.11 4.45 -13.21
CA TYR B 72 13.70 3.14 -13.47
C TYR B 72 13.08 2.12 -12.53
N VAL B 73 12.46 1.09 -13.09
CA VAL B 73 11.86 0.00 -12.34
C VAL B 73 12.58 -1.27 -12.76
N PRO B 74 13.63 -1.71 -12.05
CA PRO B 74 14.47 -2.79 -12.58
C PRO B 74 13.81 -4.15 -12.54
N CYS B 75 12.77 -4.35 -11.73
CA CYS B 75 12.24 -5.70 -11.53
C CYS B 75 10.76 -5.63 -11.20
N MET B 76 9.93 -6.11 -12.13
CA MET B 76 8.49 -6.26 -11.93
C MET B 76 8.09 -7.73 -11.97
N ASP B 77 8.96 -8.61 -11.50
CA ASP B 77 8.73 -10.04 -11.56
C ASP B 77 7.95 -10.56 -10.38
N LYS B 78 7.61 -9.70 -9.43
CA LYS B 78 6.71 -10.05 -8.35
C LYS B 78 5.51 -9.12 -8.40
N ASP B 79 4.38 -9.60 -7.88
CA ASP B 79 3.16 -8.82 -7.94
C ASP B 79 2.65 -8.49 -6.54
N SER B 80 3.56 -8.01 -5.68
CA SER B 80 3.22 -7.71 -4.30
C SER B 80 2.57 -6.34 -4.20
N MET B 81 1.32 -6.31 -3.74
CA MET B 81 0.56 -5.07 -3.64
C MET B 81 0.49 -4.54 -2.22
N ASN B 82 1.32 -5.05 -1.33
CA ASN B 82 1.21 -4.74 0.10
C ASN B 82 2.22 -3.66 0.49
N ARG B 83 2.12 -2.49 -0.16
CA ARG B 83 2.95 -1.36 0.20
C ARG B 83 2.63 -0.85 1.61
N ILE B 84 3.68 -0.42 2.30
CA ILE B 84 3.49 0.14 3.63
C ILE B 84 3.07 1.60 3.52
N GLN B 85 3.46 2.28 2.44
CA GLN B 85 3.22 3.70 2.33
C GLN B 85 3.16 4.04 0.85
N PRO B 86 2.34 5.00 0.44
CA PRO B 86 2.36 5.41 -0.97
C PRO B 86 3.71 6.00 -1.33
N HIS B 87 4.17 5.68 -2.54
CA HIS B 87 5.41 6.28 -3.02
C HIS B 87 5.18 7.76 -3.29
N PRO B 88 6.06 8.66 -2.83
CA PRO B 88 5.79 10.09 -2.99
C PRO B 88 5.92 10.59 -4.43
N HIS B 89 6.69 9.90 -5.28
CA HIS B 89 6.94 10.39 -6.62
C HIS B 89 6.51 9.45 -7.74
N VAL B 90 5.98 8.27 -7.43
CA VAL B 90 5.59 7.29 -8.44
C VAL B 90 4.24 6.69 -8.06
N LEU B 91 3.30 6.71 -9.01
CA LEU B 91 1.95 6.20 -8.76
C LEU B 91 1.95 4.69 -9.00
N THR B 92 2.36 3.96 -7.97
CA THR B 92 2.42 2.51 -8.05
C THR B 92 1.82 1.93 -6.79
N TYR B 93 1.07 0.85 -6.95
CA TYR B 93 0.50 0.12 -5.83
C TYR B 93 1.32 -1.10 -5.50
N PHE B 94 2.47 -1.26 -6.14
CA PHE B 94 3.29 -2.45 -6.00
C PHE B 94 4.51 -2.14 -5.14
N GLU B 95 4.97 -3.16 -4.42
CA GLU B 95 6.02 -2.97 -3.43
C GLU B 95 7.43 -3.12 -4.02
N GLU B 96 7.56 -3.12 -5.33
CA GLU B 96 8.84 -3.31 -5.99
C GLU B 96 9.69 -2.03 -5.92
N ASP B 97 11.02 -2.20 -6.03
CA ASP B 97 11.91 -1.05 -5.95
C ASP B 97 11.75 -0.13 -7.16
N VAL B 98 11.72 1.16 -6.88
CA VAL B 98 11.51 2.21 -7.87
C VAL B 98 12.57 3.28 -7.65
N GLN B 99 13.14 3.78 -8.75
CA GLN B 99 14.26 4.74 -8.69
C GLN B 99 14.05 5.87 -9.69
N LEU B 100 14.21 7.11 -9.22
CA LEU B 100 14.33 8.27 -10.10
C LEU B 100 15.81 8.62 -10.25
N LEU B 101 16.28 8.75 -11.49
CA LEU B 101 17.68 8.99 -11.77
C LEU B 101 17.83 10.17 -12.73
N ASN B 102 18.97 10.85 -12.66
CA ASN B 102 19.28 11.77 -13.74
C ASN B 102 19.72 10.98 -14.98
N ILE B 103 19.72 11.66 -16.13
CA ILE B 103 20.07 11.01 -17.39
C ILE B 103 21.44 10.33 -17.30
N SER B 104 22.41 10.99 -16.65
CA SER B 104 23.77 10.48 -16.62
C SER B 104 23.88 9.15 -15.86
N ASP B 105 23.29 9.10 -14.65
CA ASP B 105 23.28 7.85 -13.90
C ASP B 105 22.40 6.81 -14.57
N ALA B 106 21.29 7.22 -15.18
CA ALA B 106 20.44 6.26 -15.87
C ALA B 106 21.17 5.59 -17.01
N GLN B 107 21.97 6.36 -17.77
CA GLN B 107 22.68 5.79 -18.91
C GLN B 107 23.64 4.71 -18.45
N LYS B 108 24.27 4.93 -17.29
CA LYS B 108 25.20 3.93 -16.76
C LYS B 108 24.50 2.60 -16.48
N VAL B 109 23.22 2.63 -16.09
CA VAL B 109 22.53 1.38 -15.78
C VAL B 109 21.57 0.93 -16.88
N LEU B 110 21.07 1.84 -17.72
CA LEU B 110 20.20 1.46 -18.84
C LEU B 110 20.92 1.31 -20.16
N GLY B 111 22.04 2.02 -20.36
CA GLY B 111 22.82 1.86 -21.59
C GLY B 111 22.03 2.16 -22.84
N SER B 112 22.04 1.22 -23.79
CA SER B 112 21.34 1.39 -25.06
C SER B 112 19.82 1.42 -24.92
N VAL B 113 19.25 1.04 -23.77
CA VAL B 113 17.83 1.28 -23.54
C VAL B 113 17.56 2.78 -23.57
N LEU B 114 18.43 3.57 -22.94
CA LEU B 114 18.25 5.02 -22.92
C LEU B 114 18.39 5.59 -24.33
N THR B 115 19.43 5.17 -25.05
CA THR B 115 19.58 5.51 -26.47
C THR B 115 18.31 5.20 -27.25
N GLY B 116 17.71 4.02 -27.00
CA GLY B 116 16.48 3.67 -27.68
C GLY B 116 15.38 4.67 -27.45
N ILE B 117 15.21 5.08 -26.19
CA ILE B 117 14.14 6.02 -25.85
C ILE B 117 14.37 7.38 -26.53
N MET B 118 15.62 7.83 -26.57
CA MET B 118 15.92 9.10 -27.23
C MET B 118 15.58 9.04 -28.72
N ASN B 119 15.90 7.92 -29.38
CA ASN B 119 15.59 7.78 -30.79
C ASN B 119 14.09 7.75 -31.04
N PHE B 120 13.35 6.99 -30.21
CA PHE B 120 11.90 7.00 -30.26
C PHE B 120 11.34 8.42 -30.13
N VAL B 121 11.84 9.18 -29.14
CA VAL B 121 11.41 10.56 -28.99
C VAL B 121 11.73 11.36 -30.25
N GLN B 122 12.94 11.20 -30.78
CA GLN B 122 13.32 11.97 -31.97
C GLN B 122 12.53 11.53 -33.20
N GLU B 123 12.16 10.25 -33.26
CA GLU B 123 11.37 9.76 -34.39
C GLU B 123 9.96 10.34 -34.36
N ILE B 124 9.37 10.50 -33.17
CA ILE B 124 8.06 11.13 -33.07
C ILE B 124 8.12 12.55 -33.59
N ALA B 125 9.16 13.30 -33.19
CA ALA B 125 9.30 14.67 -33.67
C ALA B 125 9.45 14.71 -35.20
N ARG B 126 10.20 13.75 -35.77
CA ARG B 126 10.35 13.69 -37.22
C ARG B 126 9.02 13.42 -37.91
N GLN B 127 8.24 12.47 -37.40
CA GLN B 127 6.90 12.25 -37.94
C GLN B 127 6.04 13.49 -37.81
N ARG B 128 6.12 14.15 -36.65
CA ARG B 128 5.42 15.42 -36.44
C ARG B 128 5.86 16.46 -37.44
N GLY B 129 7.09 16.35 -37.96
CA GLY B 129 7.55 17.28 -38.99
C GLY B 129 6.76 17.16 -40.28
N GLU B 130 6.54 15.93 -40.74
CA GLU B 130 5.46 15.68 -41.67
C GLU B 130 4.13 15.81 -40.91
N GLY B 131 3.02 15.67 -41.60
CA GLY B 131 1.77 15.81 -40.87
C GLY B 131 1.29 14.54 -40.18
N LEU B 132 2.07 13.96 -39.27
CA LEU B 132 1.77 12.61 -38.79
C LEU B 132 1.92 12.47 -37.28
N PRO B 133 1.08 11.65 -36.66
CA PRO B 133 1.20 11.37 -35.20
C PRO B 133 2.33 10.39 -34.94
N PRO B 134 2.59 10.06 -33.67
CA PRO B 134 3.65 9.08 -33.36
C PRO B 134 3.50 7.81 -34.17
N PRO B 135 4.60 7.24 -34.68
CA PRO B 135 4.50 6.00 -35.46
C PRO B 135 4.34 4.82 -34.52
N ALA B 136 3.09 4.52 -34.15
CA ALA B 136 2.79 3.63 -33.05
C ALA B 136 1.29 3.37 -33.03
N VAL B 137 0.91 2.23 -32.45
CA VAL B 137 -0.49 1.94 -32.23
C VAL B 137 -1.02 2.86 -31.14
N HIS B 138 -2.18 3.47 -31.39
CA HIS B 138 -2.83 4.38 -30.45
C HIS B 138 -4.01 3.71 -29.77
N ALA B 139 -4.26 4.10 -28.52
CA ALA B 139 -5.50 3.74 -27.88
C ALA B 139 -6.66 4.28 -28.68
N ALA B 140 -7.84 3.74 -28.43
CA ALA B 140 -9.05 4.29 -29.05
C ALA B 140 -9.22 5.76 -28.68
N TYR B 141 -8.73 6.17 -27.53
CA TYR B 141 -8.99 7.53 -27.08
C TYR B 141 -7.88 7.99 -26.16
N LEU B 142 -7.41 9.22 -26.39
CA LEU B 142 -6.38 9.86 -25.58
C LEU B 142 -6.99 11.07 -24.90
N HIS B 143 -6.98 11.07 -23.56
CA HIS B 143 -7.46 12.23 -22.83
C HIS B 143 -6.46 13.36 -22.97
N GLU B 144 -6.95 14.53 -23.37
CA GLU B 144 -6.11 15.72 -23.59
C GLU B 144 -5.02 15.43 -24.62
N ARG B 145 -5.48 15.10 -25.83
CA ARG B 145 -4.59 14.68 -26.92
C ARG B 145 -3.42 15.65 -27.13
N ASP B 146 -3.63 16.95 -26.95
CA ASP B 146 -2.65 17.96 -27.30
C ASP B 146 -1.72 18.37 -26.17
N LYS B 147 -1.84 17.79 -24.98
CA LYS B 147 -0.91 18.14 -23.91
C LYS B 147 0.49 17.62 -24.25
N THR B 148 1.49 18.48 -24.08
CA THR B 148 2.88 18.10 -24.32
C THR B 148 3.70 17.90 -23.05
N ALA B 149 3.19 18.37 -21.91
CA ALA B 149 3.90 18.27 -20.64
C ALA B 149 2.89 17.94 -19.55
N VAL B 150 3.38 17.30 -18.49
CA VAL B 150 2.58 17.16 -17.27
C VAL B 150 3.21 18.09 -16.24
N PRO B 151 2.47 18.51 -15.22
CA PRO B 151 3.07 19.33 -14.15
C PRO B 151 4.27 18.63 -13.52
N SER B 152 5.18 19.45 -12.98
CA SER B 152 6.43 18.91 -12.41
C SER B 152 6.16 17.86 -11.35
N ASN B 153 5.21 18.12 -10.44
CA ASN B 153 4.89 17.21 -9.34
C ASN B 153 3.84 16.15 -9.71
N THR B 154 3.75 15.76 -10.97
CA THR B 154 2.88 14.66 -11.35
C THR B 154 3.63 13.35 -11.18
N LYS B 155 3.04 12.42 -10.44
CA LYS B 155 3.70 11.15 -10.18
C LYS B 155 3.91 10.40 -11.50
N PHE B 156 5.02 9.65 -11.56
CA PHE B 156 5.29 8.78 -12.70
C PHE B 156 4.42 7.52 -12.62
N ALA B 157 3.94 7.06 -13.77
CA ALA B 157 3.30 5.75 -13.85
C ALA B 157 4.05 4.91 -14.87
N TYR B 158 3.87 3.58 -14.78
CA TYR B 158 4.61 2.70 -15.68
C TYR B 158 3.82 1.44 -15.99
N VAL B 159 4.19 0.81 -17.12
CA VAL B 159 3.65 -0.48 -17.55
C VAL B 159 4.35 -1.60 -16.80
N ARG B 160 3.58 -2.58 -16.35
CA ARG B 160 4.10 -3.75 -15.65
C ARG B 160 3.97 -5.03 -16.45
N LYS B 161 2.90 -5.17 -17.24
CA LYS B 161 2.65 -6.40 -17.99
C LYS B 161 2.07 -6.04 -19.35
N VAL B 162 2.52 -6.76 -20.37
CA VAL B 162 2.06 -6.59 -21.75
C VAL B 162 1.67 -7.96 -22.25
N PHE B 163 0.46 -8.07 -22.81
CA PHE B 163 -0.15 -9.34 -23.18
C PHE B 163 -0.77 -9.18 -24.55
N PRO B 164 -0.04 -9.52 -25.62
CA PRO B 164 -0.59 -9.34 -26.96
C PRO B 164 -1.29 -10.60 -27.47
N ASP B 165 -2.44 -10.39 -28.10
CA ASP B 165 -3.09 -11.46 -28.83
C ASP B 165 -2.14 -11.97 -29.89
N PRO B 166 -1.81 -13.27 -29.92
CA PRO B 166 -1.01 -13.79 -31.04
C PRO B 166 -1.65 -13.53 -32.40
N SER B 167 -2.97 -13.48 -32.47
CA SER B 167 -3.69 -13.24 -33.72
C SER B 167 -3.89 -11.75 -34.00
N GLY B 168 -3.27 -10.87 -33.21
CA GLY B 168 -3.22 -9.45 -33.51
C GLY B 168 -4.49 -8.67 -33.24
N SER B 169 -5.46 -9.25 -32.54
CA SER B 169 -6.73 -8.57 -32.34
C SER B 169 -6.71 -7.61 -31.15
N PHE B 170 -5.76 -7.74 -30.24
CA PHE B 170 -5.76 -6.86 -29.07
C PHE B 170 -4.40 -6.90 -28.38
N VAL B 171 -4.20 -5.97 -27.45
CA VAL B 171 -3.11 -6.06 -26.48
C VAL B 171 -3.65 -5.63 -25.11
N LEU B 172 -3.43 -6.46 -24.09
CA LEU B 172 -3.78 -6.11 -22.71
C LEU B 172 -2.57 -5.50 -22.02
N PHE B 173 -2.78 -4.33 -21.39
CA PHE B 173 -1.76 -3.66 -20.61
C PHE B 173 -2.18 -3.62 -19.14
N ARG B 174 -1.25 -3.94 -18.25
CA ARG B 174 -1.45 -3.73 -16.83
C ARG B 174 -0.48 -2.65 -16.37
N LEU B 175 -0.99 -1.64 -15.70
CA LEU B 175 -0.23 -0.46 -15.34
C LEU B 175 0.01 -0.44 -13.83
N SER B 176 0.90 0.46 -13.42
CA SER B 176 1.29 0.52 -12.02
C SER B 176 0.21 1.11 -11.14
N ASN B 177 -0.76 1.83 -11.72
CA ASN B 177 -1.89 2.36 -10.96
C ASN B 177 -3.06 1.37 -10.89
N LEU B 178 -2.80 0.08 -11.14
CA LEU B 178 -3.79 -1.00 -11.06
C LEU B 178 -4.87 -0.89 -12.12
N ARG B 179 -4.60 -0.15 -13.20
CA ARG B 179 -5.52 -0.07 -14.31
C ARG B 179 -5.16 -1.14 -15.33
N SER B 180 -6.18 -1.66 -16.00
CA SER B 180 -5.99 -2.58 -17.11
C SER B 180 -6.59 -1.93 -18.35
N GLN B 181 -5.94 -2.14 -19.48
CA GLN B 181 -6.39 -1.50 -20.72
C GLN B 181 -6.15 -2.48 -21.85
N VAL B 182 -7.24 -2.91 -22.47
CA VAL B 182 -7.22 -3.77 -23.63
C VAL B 182 -7.44 -2.89 -24.85
N ILE B 183 -6.37 -2.63 -25.61
CA ILE B 183 -6.49 -1.88 -26.86
C ILE B 183 -6.84 -2.88 -27.96
N CYS B 184 -8.02 -2.69 -28.58
CA CYS B 184 -8.60 -3.62 -29.54
C CYS B 184 -8.54 -3.03 -30.95
N ASN B 185 -8.64 -3.92 -31.94
CA ASN B 185 -8.70 -3.48 -33.32
C ASN B 185 -10.14 -3.21 -33.78
N VAL B 186 -11.08 -3.06 -32.85
CA VAL B 186 -12.44 -2.74 -33.25
C VAL B 186 -12.77 -1.31 -32.85
N LEU B 187 -11.76 -0.44 -32.87
CA LEU B 187 -11.92 1.00 -32.62
C LEU B 187 -12.47 1.28 -31.21
N MET B 188 -12.00 0.52 -30.22
CA MET B 188 -12.36 0.77 -28.84
C MET B 188 -11.34 0.13 -27.91
N ASP B 189 -11.23 0.70 -26.70
CA ASP B 189 -10.56 0.07 -25.58
C ASP B 189 -11.59 -0.65 -24.70
N ILE B 190 -11.11 -1.63 -23.95
CA ILE B 190 -11.79 -2.11 -22.75
C ILE B 190 -10.91 -1.75 -21.56
N ARG B 191 -11.44 -0.95 -20.64
CA ARG B 191 -10.66 -0.45 -19.53
C ARG B 191 -11.37 -0.74 -18.21
N TRP B 192 -10.57 -0.91 -17.15
CA TRP B 192 -11.12 -1.01 -15.81
C TRP B 192 -10.03 -0.74 -14.77
N GLN B 193 -10.47 -0.30 -13.60
CA GLN B 193 -9.64 -0.06 -12.42
C GLN B 193 -9.82 -1.22 -11.46
N SER B 194 -8.72 -1.80 -11.02
CA SER B 194 -8.76 -2.78 -9.95
C SER B 194 -8.29 -2.14 -8.63
N ASP B 195 -8.61 -2.80 -7.53
CA ASP B 195 -8.06 -2.42 -6.23
C ASP B 195 -7.03 -3.47 -5.81
N ARG B 196 -6.43 -3.26 -4.64
CA ARG B 196 -5.37 -4.17 -4.27
C ARG B 196 -5.88 -5.52 -3.81
N GLN B 197 -7.19 -5.75 -3.85
CA GLN B 197 -7.77 -7.04 -3.55
C GLN B 197 -8.22 -7.78 -4.81
N ASN B 198 -7.79 -7.31 -5.99
CA ASN B 198 -8.14 -7.85 -7.30
C ASN B 198 -9.61 -7.66 -7.66
N ASN B 199 -10.27 -6.77 -6.95
CA ASN B 199 -11.68 -6.47 -7.28
C ASN B 199 -11.70 -5.50 -8.45
N VAL B 200 -12.26 -5.96 -9.56
CA VAL B 200 -12.40 -5.06 -10.74
C VAL B 200 -13.49 -4.07 -10.41
N GLY B 201 -13.19 -2.80 -10.52
CA GLY B 201 -14.20 -1.76 -10.27
C GLY B 201 -15.08 -1.54 -11.48
N GLN B 202 -15.14 -0.30 -11.93
CA GLN B 202 -16.00 0.01 -13.09
C GLN B 202 -15.34 -0.43 -14.40
N ARG B 203 -16.11 -1.11 -15.23
CA ARG B 203 -15.66 -1.57 -16.54
C ARG B 203 -16.24 -0.65 -17.60
N TYR B 204 -15.45 -0.36 -18.63
CA TYR B 204 -15.91 0.57 -19.67
C TYR B 204 -15.37 0.15 -21.03
N TYR B 205 -16.25 0.18 -22.03
CA TYR B 205 -15.80 0.27 -23.42
C TYR B 205 -15.57 1.74 -23.73
N VAL B 206 -14.32 2.12 -23.95
CA VAL B 206 -13.97 3.49 -24.29
C VAL B 206 -13.81 3.58 -25.80
N LEU B 207 -14.74 4.27 -26.45
CA LEU B 207 -14.79 4.28 -27.91
C LEU B 207 -13.87 5.34 -28.48
N ALA B 208 -13.56 5.19 -29.77
CA ALA B 208 -12.57 6.06 -30.42
C ALA B 208 -12.96 7.54 -30.35
N ASP B 209 -14.21 7.89 -30.08
CA ASP B 209 -14.63 9.27 -29.95
C ASP B 209 -14.65 9.76 -28.50
N GLY B 210 -14.16 8.95 -27.56
CA GLY B 210 -14.21 9.32 -26.16
C GLY B 210 -15.45 8.86 -25.41
N THR B 211 -16.47 8.36 -26.11
CA THR B 211 -17.57 7.68 -25.44
C THR B 211 -17.04 6.59 -24.52
N ALA B 212 -17.47 6.63 -23.26
CA ALA B 212 -17.09 5.64 -22.25
C ALA B 212 -18.36 4.89 -21.86
N GLU B 213 -18.46 3.62 -22.26
CA GLU B 213 -19.70 2.87 -22.06
C GLU B 213 -19.54 1.79 -21.00
N PRO B 214 -20.31 1.84 -19.92
CA PRO B 214 -20.17 0.86 -18.84
C PRO B 214 -20.83 -0.47 -19.17
N PHE B 215 -20.27 -1.54 -18.60
CA PHE B 215 -20.81 -2.88 -18.77
C PHE B 215 -20.46 -3.69 -17.54
N THR B 216 -21.22 -4.75 -17.29
CA THR B 216 -20.90 -5.66 -16.18
C THR B 216 -20.26 -6.94 -16.69
N VAL B 217 -20.96 -7.70 -17.52
CA VAL B 217 -20.38 -8.85 -18.20
C VAL B 217 -20.10 -8.46 -19.64
N ASP B 218 -18.92 -8.81 -20.13
CA ASP B 218 -18.57 -8.53 -21.51
C ASP B 218 -19.30 -9.51 -22.41
N HIS B 219 -19.97 -8.99 -23.44
CA HIS B 219 -20.70 -9.81 -24.39
C HIS B 219 -20.02 -9.89 -25.74
N THR B 220 -18.93 -9.14 -25.94
CA THR B 220 -18.13 -9.30 -27.14
C THR B 220 -17.43 -10.63 -27.21
N GLY B 221 -17.16 -11.26 -26.06
CA GLY B 221 -16.29 -12.41 -26.03
C GLY B 221 -14.81 -12.07 -26.12
N ILE B 222 -14.47 -10.79 -26.05
CA ILE B 222 -13.07 -10.39 -26.19
C ILE B 222 -12.30 -10.65 -24.90
N LEU B 223 -12.93 -10.36 -23.75
CA LEU B 223 -12.25 -10.61 -22.47
C LEU B 223 -11.99 -12.10 -22.26
N PHE B 224 -12.91 -12.97 -22.67
CA PHE B 224 -12.63 -14.40 -22.66
C PHE B 224 -11.33 -14.68 -23.41
N GLU B 225 -11.19 -14.13 -24.62
CA GLU B 225 -9.97 -14.29 -25.39
C GLU B 225 -8.75 -13.73 -24.65
N VAL B 226 -8.88 -12.50 -24.14
CA VAL B 226 -7.82 -11.88 -23.33
C VAL B 226 -7.42 -12.79 -22.18
N ASP B 227 -8.41 -13.34 -21.49
CA ASP B 227 -8.09 -14.19 -20.35
C ASP B 227 -7.27 -15.41 -20.77
N GLN B 228 -7.59 -15.98 -21.93
CA GLN B 228 -6.84 -17.14 -22.41
C GLN B 228 -5.38 -16.79 -22.63
N VAL B 229 -5.11 -15.64 -23.24
CA VAL B 229 -3.74 -15.23 -23.50
C VAL B 229 -2.98 -15.04 -22.20
N VAL B 230 -3.62 -14.42 -21.20
CA VAL B 230 -2.97 -14.19 -19.91
C VAL B 230 -2.61 -15.52 -19.25
N ARG B 231 -3.54 -16.48 -19.25
CA ARG B 231 -3.27 -17.79 -18.67
C ARG B 231 -2.19 -18.56 -19.41
N ASN B 232 -2.09 -18.37 -20.73
CA ASN B 232 -1.13 -19.13 -21.52
C ASN B 232 0.26 -18.52 -21.50
N ASN B 233 0.44 -17.39 -20.82
CA ASN B 233 1.75 -16.75 -20.78
C ASN B 233 2.63 -17.39 -19.70
#